data_6KQI
#
_entry.id   6KQI
#
_cell.length_a   41.342
_cell.length_b   167.940
_cell.length_c   41.526
_cell.angle_alpha   90.000
_cell.angle_beta   91.390
_cell.angle_gamma   90.000
#
_symmetry.space_group_name_H-M   'P 1 21 1'
#
loop_
_entity.id
_entity.type
_entity.pdbx_description
1 polymer 'Cannabinoid receptor 1,GlgA glycogen synthase,Cannabinoid receptor 1'
2 non-polymer 2-[(1R,2R,5R)-5-hydroxy-2-(3-hydroxypropyl)cyclohexyl]-5-(2-methyloctan-2-yl)phenol
3 non-polymer 5-chloro-3-ethyl-N-{2-[4-(piperidin-1-yl)phenyl]ethyl}-1H-indole-2-carboxamide
4 non-polymer 'OLEIC ACID'
5 non-polymer '(2R)-2,3-dihydroxypropyl (9Z)-octadec-9-enoate'
6 non-polymer DI(HYDROXYETHYL)ETHER
#
_entity_poly.entity_id   1
_entity_poly.type   'polypeptide(L)'
_entity_poly.pdbx_seq_one_letter_code
;GENIQCGENFMDIECFMVLNPSQQLAIAVLSLTLGTFTVLENLLVLCVILHSRSLRCRPSYHFIGSLAVADLLGSVIFVY
SFIDFHVFHRKDSRNVFLFKLGGVTASFTAKVGSLFLAAIDRYISIHRPLAYKRIVTRPKAVVAFCLMWTIAIVIAVLPL
LGWNCEKLQSVCSDIFPHIDKTYLMFWIGVVSVLLLFIVYAYMYILWKAGIDCSFWNESYLTGSRDERKKSLLSKFGMDE
GVTFMFIGRFDRGQKGVDVLLKAIEILSSKKEFQEMRFIIIGKGDPELEGWARSLEEKHGNVKVITEMLSREFVRELYGS
VDFVIIPSYFEPFGLVALEAMCLGAIPIASAVGGLRDIITNETGILVKAGDPGELANAILKALELSRSDLSKFRENCKKR
AMSFSDQARMDIELAKTLVLILVVLIICWGPLLAIMVYDVFGKMNKLIKTVFAFCSMLCLLNSTVNPIIYALRSKDLRHA
FRSMFPENLYFQ
;
_entity_poly.pdbx_strand_id   A
#
loop_
_chem_comp.id
_chem_comp.type
_chem_comp.name
_chem_comp.formula
9GF non-polymer 2-[(1R,2R,5R)-5-hydroxy-2-(3-hydroxypropyl)cyclohexyl]-5-(2-methyloctan-2-yl)phenol 'C24 H40 O3'
9GL non-polymer 5-chloro-3-ethyl-N-{2-[4-(piperidin-1-yl)phenyl]ethyl}-1H-indole-2-carboxamide 'C24 H28 Cl N3 O'
OLA non-polymer 'OLEIC ACID' 'C18 H34 O2'
OLC non-polymer '(2R)-2,3-dihydroxypropyl (9Z)-octadec-9-enoate' 'C21 H40 O4'
PEG non-polymer DI(HYDROXYETHYL)ETHER 'C4 H10 O3'
#
# COMPACT_ATOMS: atom_id res chain seq x y z
N ASN A 9 21.97 40.97 3.06
CA ASN A 9 21.46 42.22 3.62
C ASN A 9 21.67 43.38 2.65
N PHE A 10 20.90 43.37 1.57
CA PHE A 10 20.91 44.46 0.59
C PHE A 10 19.56 45.14 0.46
N MET A 11 18.46 44.38 0.51
CA MET A 11 17.10 44.91 0.54
C MET A 11 16.45 44.60 1.87
N ASP A 12 15.63 45.52 2.36
CA ASP A 12 14.97 45.37 3.64
C ASP A 12 13.71 44.51 3.51
N ILE A 13 13.12 44.18 4.66
CA ILE A 13 12.06 43.18 4.70
C ILE A 13 10.71 43.77 4.33
N GLU A 14 10.51 45.08 4.54
CA GLU A 14 9.20 45.68 4.33
C GLU A 14 8.76 45.67 2.87
N CYS A 15 9.66 45.36 1.93
CA CYS A 15 9.25 45.33 0.52
C CYS A 15 8.42 44.11 0.19
N PHE A 16 8.10 43.27 1.19
CA PHE A 16 7.29 42.07 1.01
C PHE A 16 5.87 42.23 1.51
N MET A 17 5.59 43.21 2.37
CA MET A 17 4.25 43.46 2.88
C MET A 17 3.50 44.26 1.82
N VAL A 18 2.82 43.56 0.91
CA VAL A 18 2.23 44.20 -0.27
C VAL A 18 0.75 44.55 -0.08
N LEU A 19 0.07 43.94 0.89
CA LEU A 19 -1.38 44.08 1.01
C LEU A 19 -1.74 45.45 1.58
N ASN A 20 -2.52 46.22 0.83
CA ASN A 20 -3.05 47.48 1.32
C ASN A 20 -4.03 47.21 2.47
N PRO A 21 -4.37 48.24 3.24
CA PRO A 21 -5.21 48.01 4.44
C PRO A 21 -6.61 47.47 4.14
N SER A 22 -7.12 47.60 2.92
CA SER A 22 -8.43 47.03 2.64
C SER A 22 -8.35 45.52 2.38
N GLN A 23 -7.26 45.07 1.78
CA GLN A 23 -7.07 43.65 1.48
C GLN A 23 -6.23 42.93 2.54
N GLN A 24 -5.86 43.63 3.60
CA GLN A 24 -5.23 42.97 4.75
C GLN A 24 -6.25 42.48 5.76
N LEU A 25 -7.43 43.10 5.81
CA LEU A 25 -8.51 42.55 6.62
C LEU A 25 -9.25 41.46 5.87
N ALA A 26 -9.42 41.62 4.55
CA ALA A 26 -10.08 40.60 3.75
C ALA A 26 -9.27 39.30 3.75
N ILE A 27 -7.94 39.41 3.79
CA ILE A 27 -7.11 38.22 3.96
C ILE A 27 -7.04 37.78 5.41
N ALA A 28 -7.47 38.63 6.36
CA ALA A 28 -7.44 38.27 7.77
C ALA A 28 -8.66 37.44 8.16
N VAL A 29 -9.86 37.93 7.84
CA VAL A 29 -11.08 37.18 8.14
C VAL A 29 -11.10 35.85 7.40
N LEU A 30 -10.34 35.74 6.31
CA LEU A 30 -10.16 34.45 5.66
C LEU A 30 -9.27 33.53 6.48
N SER A 31 -8.12 34.04 6.93
CA SER A 31 -7.24 33.21 7.75
C SER A 31 -7.88 32.85 9.08
N LEU A 32 -8.71 33.73 9.64
CA LEU A 32 -9.23 33.50 10.97
C LEU A 32 -10.43 32.57 10.96
N THR A 33 -11.16 32.50 9.85
CA THR A 33 -12.30 31.59 9.75
C THR A 33 -11.91 30.28 9.07
N LEU A 34 -11.41 30.36 7.83
CA LEU A 34 -10.88 29.17 7.17
C LEU A 34 -9.76 28.52 7.98
N GLY A 35 -9.09 29.30 8.83
CA GLY A 35 -8.17 28.73 9.78
C GLY A 35 -8.81 28.19 11.03
N THR A 36 -10.05 28.60 11.32
CA THR A 36 -10.80 28.04 12.43
C THR A 36 -11.57 26.79 12.02
N PHE A 37 -12.07 26.75 10.79
CA PHE A 37 -12.76 25.56 10.32
C PHE A 37 -11.82 24.39 10.08
N THR A 38 -10.51 24.62 10.06
CA THR A 38 -9.54 23.51 10.01
C THR A 38 -9.03 23.12 11.38
N VAL A 39 -8.80 24.08 12.27
CA VAL A 39 -8.36 23.73 13.61
C VAL A 39 -9.47 23.01 14.37
N LEU A 40 -10.71 23.42 14.17
CA LEU A 40 -11.82 22.81 14.91
C LEU A 40 -11.97 21.34 14.56
N GLU A 41 -11.99 21.02 13.27
CA GLU A 41 -12.28 19.64 12.88
C GLU A 41 -11.04 18.74 12.92
N ASN A 42 -9.84 19.30 12.66
CA ASN A 42 -8.64 18.49 12.84
C ASN A 42 -8.42 18.17 14.31
N LEU A 43 -8.68 19.13 15.20
CA LEU A 43 -8.66 18.84 16.63
C LEU A 43 -9.78 17.88 17.03
N LEU A 44 -10.81 17.74 16.20
CA LEU A 44 -11.86 16.77 16.41
C LEU A 44 -11.51 15.42 15.77
N VAL A 45 -10.93 15.45 14.57
CA VAL A 45 -10.44 14.21 13.94
C VAL A 45 -9.45 13.51 14.86
N LEU A 46 -8.63 14.29 15.57
CA LEU A 46 -7.73 13.69 16.54
C LEU A 46 -8.48 13.09 17.73
N CYS A 47 -9.70 13.56 18.01
CA CYS A 47 -10.46 13.04 19.14
C CYS A 47 -11.07 11.67 18.85
N VAL A 48 -11.62 11.48 17.64
CA VAL A 48 -12.17 10.19 17.29
C VAL A 48 -11.07 9.13 17.26
N ILE A 49 -9.91 9.48 16.72
CA ILE A 49 -8.84 8.50 16.52
C ILE A 49 -8.36 7.94 17.85
N LEU A 50 -7.96 8.81 18.77
CA LEU A 50 -7.31 8.34 19.98
C LEU A 50 -8.28 7.79 21.02
N HIS A 51 -9.56 7.81 20.75
CA HIS A 51 -10.47 7.18 21.67
C HIS A 51 -10.76 5.82 21.14
N SER A 52 -11.19 5.78 19.91
CA SER A 52 -11.45 4.48 19.30
C SER A 52 -10.17 3.66 19.32
N ARG A 53 -10.16 2.59 20.12
CA ARG A 53 -9.00 1.70 20.17
C ARG A 53 -8.73 1.02 18.82
N SER A 54 -9.67 1.09 17.88
CA SER A 54 -9.45 0.52 16.55
C SER A 54 -8.54 1.42 15.72
N LEU A 55 -9.00 2.64 15.41
CA LEU A 55 -8.23 3.53 14.55
C LEU A 55 -6.97 4.06 15.24
N ARG A 56 -6.94 4.09 16.57
CA ARG A 56 -5.78 4.57 17.30
C ARG A 56 -4.55 3.74 17.00
N CYS A 57 -4.56 2.47 17.43
CA CYS A 57 -3.42 1.58 17.18
C CYS A 57 -3.77 0.65 16.02
N ARG A 58 -3.55 1.18 14.81
CA ARG A 58 -3.73 0.45 13.56
C ARG A 58 -2.75 1.07 12.57
N PRO A 59 -1.88 0.26 11.94
CA PRO A 59 -0.95 0.82 10.94
C PRO A 59 -1.62 1.21 9.64
N SER A 60 -2.91 0.92 9.47
CA SER A 60 -3.59 1.24 8.22
C SER A 60 -4.10 2.68 8.23
N TYR A 61 -4.74 3.10 9.31
CA TYR A 61 -5.22 4.46 9.48
C TYR A 61 -4.30 5.30 10.34
N HIS A 62 -3.09 4.81 10.63
CA HIS A 62 -2.16 5.55 11.46
C HIS A 62 -1.80 6.90 10.85
N PHE A 63 -1.89 7.02 9.52
CA PHE A 63 -1.55 8.29 8.87
C PHE A 63 -2.58 9.37 9.19
N ILE A 64 -3.83 8.99 9.43
CA ILE A 64 -4.89 9.98 9.68
C ILE A 64 -4.57 10.85 10.88
N GLY A 65 -3.75 10.34 11.81
CA GLY A 65 -3.24 11.17 12.87
C GLY A 65 -2.05 11.99 12.41
N SER A 66 -1.14 11.37 11.67
CA SER A 66 0.00 12.08 11.11
C SER A 66 -0.39 13.08 10.03
N LEU A 67 -1.64 13.02 9.55
CA LEU A 67 -2.15 13.95 8.56
C LEU A 67 -2.96 15.06 9.20
N ALA A 68 -3.71 14.76 10.26
CA ALA A 68 -4.50 15.75 10.99
C ALA A 68 -3.69 16.50 12.04
N VAL A 69 -2.43 16.14 12.24
CA VAL A 69 -1.55 16.90 13.13
C VAL A 69 -0.75 17.94 12.35
N ALA A 70 -0.19 17.54 11.21
CA ALA A 70 0.51 18.50 10.35
C ALA A 70 -0.43 19.55 9.78
N ASP A 71 -1.73 19.24 9.68
CA ASP A 71 -2.72 20.19 9.23
C ASP A 71 -3.31 21.00 10.37
N LEU A 72 -2.84 20.79 11.60
CA LEU A 72 -3.25 21.60 12.74
C LEU A 72 -2.13 22.51 13.23
N LEU A 73 -1.00 21.93 13.68
CA LEU A 73 0.12 22.75 14.14
C LEU A 73 0.76 23.53 13.00
N GLY A 74 0.92 22.89 11.84
CA GLY A 74 1.37 23.61 10.66
C GLY A 74 0.41 24.65 10.16
N SER A 75 -0.83 24.64 10.66
CA SER A 75 -1.85 25.63 10.30
C SER A 75 -1.91 26.79 11.30
N VAL A 76 -1.87 26.51 12.61
CA VAL A 76 -1.88 27.58 13.60
C VAL A 76 -0.64 28.45 13.44
N ILE A 77 0.49 27.85 13.08
CA ILE A 77 1.70 28.62 12.83
C ILE A 77 1.53 29.53 11.62
N PHE A 78 0.94 29.01 10.55
CA PHE A 78 0.77 29.80 9.34
C PHE A 78 -0.33 30.85 9.49
N VAL A 79 -1.24 30.70 10.44
CA VAL A 79 -2.25 31.73 10.65
C VAL A 79 -1.69 32.85 11.53
N TYR A 80 -0.97 32.48 12.58
CA TYR A 80 -0.38 33.49 13.46
C TYR A 80 0.65 34.33 12.73
N SER A 81 1.75 33.70 12.30
CA SER A 81 2.89 34.43 11.76
C SER A 81 2.58 35.17 10.48
N PHE A 82 1.57 34.74 9.73
CA PHE A 82 1.22 35.43 8.49
C PHE A 82 0.38 36.66 8.77
N ILE A 83 -0.64 36.53 9.63
CA ILE A 83 -1.45 37.68 9.99
C ILE A 83 -0.63 38.68 10.79
N ASP A 84 0.32 38.19 11.59
CA ASP A 84 1.22 39.04 12.36
C ASP A 84 2.27 39.72 11.47
N PHE A 85 2.32 39.38 10.18
CA PHE A 85 3.30 39.94 9.26
C PHE A 85 2.68 40.86 8.22
N HIS A 86 1.68 40.40 7.48
CA HIS A 86 1.06 41.22 6.44
C HIS A 86 0.10 42.26 7.00
N VAL A 87 -0.40 42.06 8.21
CA VAL A 87 -1.35 42.97 8.83
C VAL A 87 -0.71 43.74 9.99
N PHE A 88 0.08 43.07 10.82
CA PHE A 88 0.69 43.69 11.98
C PHE A 88 2.07 44.26 11.71
N HIS A 89 2.58 44.11 10.48
CA HIS A 89 3.81 44.75 10.03
C HIS A 89 4.95 44.54 11.03
N ARG A 90 5.13 43.28 11.45
CA ARG A 90 6.16 42.94 12.42
C ARG A 90 7.39 42.38 11.74
N LYS A 91 8.56 42.84 12.19
CA LYS A 91 9.85 42.37 11.70
C LYS A 91 10.52 41.59 12.82
N ASP A 92 10.55 40.27 12.68
CA ASP A 92 11.14 39.39 13.69
C ASP A 92 12.66 39.45 13.58
N SER A 93 13.35 38.58 14.32
CA SER A 93 14.78 38.39 14.14
C SER A 93 15.05 37.68 12.83
N ARG A 94 16.33 37.46 12.52
CA ARG A 94 16.70 36.78 11.29
C ARG A 94 16.54 35.28 11.42
N ASN A 95 16.72 34.74 12.63
CA ASN A 95 16.48 33.33 12.91
C ASN A 95 15.13 33.08 13.54
N VAL A 96 14.44 34.12 14.01
CA VAL A 96 13.09 33.93 14.56
C VAL A 96 12.08 33.77 13.43
N PHE A 97 12.28 34.48 12.31
CA PHE A 97 11.42 34.27 11.15
C PHE A 97 11.58 32.87 10.59
N LEU A 98 12.83 32.44 10.37
CA LEU A 98 13.06 31.11 9.82
C LEU A 98 12.60 30.01 10.78
N PHE A 99 12.60 30.30 12.08
CA PHE A 99 11.98 29.40 13.04
C PHE A 99 10.48 29.33 12.82
N LYS A 100 9.81 30.49 12.76
CA LYS A 100 8.37 30.50 12.52
C LYS A 100 8.02 29.98 11.14
N LEU A 101 8.88 30.20 10.15
CA LEU A 101 8.63 29.64 8.83
C LEU A 101 8.97 28.16 8.77
N GLY A 102 9.98 27.73 9.53
CA GLY A 102 10.35 26.33 9.52
C GLY A 102 9.27 25.41 10.03
N GLY A 103 8.42 25.91 10.93
CA GLY A 103 7.31 25.11 11.42
C GLY A 103 6.24 24.87 10.36
N VAL A 104 6.20 25.67 9.31
CA VAL A 104 5.22 25.50 8.24
C VAL A 104 5.74 24.55 7.17
N THR A 105 6.99 24.75 6.73
CA THR A 105 7.54 23.89 5.69
C THR A 105 7.70 22.47 6.17
N ALA A 106 7.98 22.28 7.46
CA ALA A 106 8.08 20.93 8.01
C ALA A 106 6.74 20.23 7.93
N SER A 107 5.66 20.94 8.26
CA SER A 107 4.35 20.31 8.31
C SER A 107 3.92 19.83 6.93
N PHE A 108 4.02 20.69 5.91
CA PHE A 108 3.65 20.25 4.57
C PHE A 108 4.55 19.11 4.10
N THR A 109 5.84 19.21 4.36
CA THR A 109 6.72 18.11 4.00
C THR A 109 6.34 16.84 4.75
N ALA A 110 5.86 16.97 5.99
CA ALA A 110 5.47 15.81 6.77
C ALA A 110 4.24 15.12 6.18
N LYS A 111 3.24 15.88 5.75
CA LYS A 111 2.05 15.26 5.18
C LYS A 111 2.32 14.65 3.81
N VAL A 112 3.37 15.09 3.12
CA VAL A 112 3.80 14.40 1.91
C VAL A 112 4.41 13.05 2.28
N GLY A 113 5.28 13.03 3.29
CA GLY A 113 5.81 11.78 3.79
C GLY A 113 4.78 10.89 4.43
N SER A 114 3.64 11.45 4.84
CA SER A 114 2.54 10.62 5.30
C SER A 114 1.87 9.91 4.12
N LEU A 115 1.64 10.62 3.03
CA LEU A 115 1.16 9.98 1.81
C LEU A 115 2.21 9.09 1.16
N PHE A 116 3.46 9.16 1.62
CA PHE A 116 4.50 8.26 1.15
C PHE A 116 4.55 6.97 1.95
N LEU A 117 4.55 7.08 3.29
CA LEU A 117 4.51 5.88 4.12
C LEU A 117 3.20 5.12 3.94
N ALA A 118 2.09 5.85 3.86
CA ALA A 118 0.80 5.21 3.63
C ALA A 118 0.74 4.49 2.28
N ALA A 119 1.70 4.72 1.39
CA ALA A 119 1.75 3.99 0.13
C ALA A 119 2.52 2.69 0.29
N ILE A 120 3.54 2.68 1.13
CA ILE A 120 4.20 1.42 1.48
C ILE A 120 3.22 0.50 2.19
N ASP A 121 2.38 1.06 3.07
CA ASP A 121 1.35 0.28 3.72
C ASP A 121 0.36 -0.28 2.71
N ARG A 122 -0.04 0.53 1.73
CA ARG A 122 -1.02 0.06 0.76
C ARG A 122 -0.45 -1.04 -0.12
N TYR A 123 0.80 -0.90 -0.58
CA TYR A 123 1.37 -1.93 -1.42
C TYR A 123 1.46 -3.26 -0.70
N ILE A 124 1.83 -3.24 0.58
CA ILE A 124 1.97 -4.47 1.34
C ILE A 124 0.61 -5.09 1.61
N SER A 125 -0.39 -4.26 1.92
CA SER A 125 -1.70 -4.78 2.33
C SER A 125 -2.45 -5.44 1.19
N ILE A 126 -2.07 -5.18 -0.06
CA ILE A 126 -2.77 -5.69 -1.23
C ILE A 126 -1.95 -6.79 -1.91
N HIS A 127 -0.68 -6.53 -2.18
CA HIS A 127 0.19 -7.45 -2.90
C HIS A 127 1.06 -8.29 -1.98
N ARG A 128 0.84 -8.20 -0.67
CA ARG A 128 1.41 -9.13 0.31
C ARG A 128 0.33 -9.45 1.34
N PRO A 129 -0.76 -10.10 0.91
CA PRO A 129 -1.99 -10.11 1.72
C PRO A 129 -1.83 -10.65 3.13
N LEU A 130 -1.05 -11.72 3.34
CA LEU A 130 -0.85 -12.25 4.67
C LEU A 130 0.51 -11.91 5.26
N ALA A 131 1.50 -11.62 4.40
CA ALA A 131 2.73 -11.04 4.91
C ALA A 131 2.49 -9.67 5.54
N TYR A 132 1.43 -8.98 5.11
CA TYR A 132 1.16 -7.63 5.60
C TYR A 132 0.99 -7.61 7.11
N LYS A 133 0.03 -8.39 7.62
CA LYS A 133 -0.25 -8.40 9.06
C LYS A 133 0.99 -8.66 9.90
N ARG A 134 2.04 -9.23 9.30
CA ARG A 134 3.25 -9.57 10.02
C ARG A 134 4.45 -8.70 9.65
N ILE A 135 4.40 -8.00 8.52
CA ILE A 135 5.43 -7.02 8.19
C ILE A 135 5.11 -5.68 8.83
N VAL A 136 3.95 -5.13 8.51
CA VAL A 136 3.52 -3.82 8.98
C VAL A 136 2.83 -4.01 10.32
N THR A 137 3.56 -3.78 11.41
CA THR A 137 3.05 -3.86 12.76
C THR A 137 2.96 -2.46 13.37
N ARG A 138 2.53 -2.40 14.62
CA ARG A 138 2.52 -1.11 15.32
C ARG A 138 3.92 -0.59 15.58
N PRO A 139 4.87 -1.41 16.05
CA PRO A 139 6.24 -0.88 16.23
C PRO A 139 6.84 -0.33 14.95
N LYS A 140 6.80 -1.09 13.85
CA LYS A 140 7.44 -0.65 12.61
C LYS A 140 6.74 0.55 11.97
N ALA A 141 5.48 0.82 12.33
CA ALA A 141 4.80 2.00 11.83
C ALA A 141 5.05 3.24 12.68
N VAL A 142 5.23 3.07 14.00
CA VAL A 142 5.54 4.22 14.85
C VAL A 142 6.95 4.72 14.55
N VAL A 143 7.89 3.81 14.32
CA VAL A 143 9.27 4.22 14.02
C VAL A 143 9.34 4.88 12.66
N ALA A 144 8.51 4.45 11.70
CA ALA A 144 8.59 4.99 10.35
C ALA A 144 8.06 6.42 10.28
N PHE A 145 7.03 6.72 11.05
CA PHE A 145 6.50 8.08 11.04
C PHE A 145 7.40 9.04 11.81
N CYS A 146 7.89 8.62 12.98
CA CYS A 146 8.77 9.48 13.77
C CYS A 146 10.03 9.84 12.98
N LEU A 147 10.58 8.90 12.21
CA LEU A 147 11.74 9.21 11.40
C LEU A 147 11.36 9.86 10.07
N MET A 148 10.12 9.70 9.62
CA MET A 148 9.63 10.54 8.53
C MET A 148 9.48 11.98 8.99
N TRP A 149 9.07 12.17 10.24
CA TRP A 149 8.99 13.52 10.82
C TRP A 149 10.38 14.07 11.12
N THR A 150 11.27 13.23 11.66
CA THR A 150 12.66 13.65 11.86
C THR A 150 13.23 14.26 10.60
N ILE A 151 12.95 13.65 9.45
CA ILE A 151 13.43 14.19 8.17
C ILE A 151 12.71 15.49 7.83
N ALA A 152 11.40 15.56 8.08
CA ALA A 152 10.66 16.78 7.78
C ALA A 152 11.11 17.93 8.64
N ILE A 153 11.66 17.66 9.83
CA ILE A 153 12.18 18.73 10.68
C ILE A 153 13.52 19.22 10.16
N VAL A 154 14.36 18.31 9.65
CA VAL A 154 15.70 18.68 9.22
C VAL A 154 15.63 19.62 8.03
N ILE A 155 14.87 19.26 7.01
CA ILE A 155 14.74 20.09 5.82
C ILE A 155 14.18 21.47 6.16
N ALA A 156 13.47 21.58 7.29
CA ALA A 156 12.89 22.87 7.66
C ALA A 156 13.86 23.73 8.46
N VAL A 157 14.85 23.13 9.11
CA VAL A 157 15.80 23.87 9.92
C VAL A 157 17.15 23.99 9.23
N LEU A 158 17.21 23.73 7.91
CA LEU A 158 18.45 23.99 7.18
C LEU A 158 18.78 25.47 7.13
N PRO A 159 17.90 26.37 6.71
CA PRO A 159 18.25 27.80 6.73
C PRO A 159 18.56 28.33 8.11
N LEU A 160 18.08 27.66 9.17
CA LEU A 160 18.52 27.99 10.53
C LEU A 160 19.92 27.47 10.82
N LEU A 161 20.50 26.65 9.95
CA LEU A 161 21.85 26.16 10.12
C LEU A 161 22.86 26.83 9.19
N GLY A 162 22.40 27.68 8.28
CA GLY A 162 23.32 28.37 7.40
C GLY A 162 23.06 28.16 5.93
N TRP A 163 21.85 27.73 5.58
CA TRP A 163 21.45 27.71 4.18
C TRP A 163 20.44 28.82 3.92
N ASN A 164 20.86 30.06 4.19
CA ASN A 164 20.06 31.25 3.98
C ASN A 164 20.89 32.28 3.23
N CYS A 165 20.22 33.27 2.64
CA CYS A 165 20.93 34.25 1.83
C CYS A 165 21.65 35.30 2.66
N GLU A 166 21.26 35.48 3.92
CA GLU A 166 21.98 36.38 4.81
C GLU A 166 23.37 35.83 5.14
N LYS A 167 23.40 34.70 5.86
CA LYS A 167 24.59 34.00 6.36
C LYS A 167 25.41 33.33 5.26
N LEU A 168 25.15 33.67 4.00
CA LEU A 168 25.87 33.08 2.88
C LEU A 168 26.21 34.09 1.80
N GLN A 169 25.62 35.29 1.82
CA GLN A 169 25.79 36.30 0.78
C GLN A 169 25.48 35.70 -0.60
N SER A 170 24.18 35.46 -0.80
CA SER A 170 23.68 34.91 -2.06
C SER A 170 22.37 35.60 -2.42
N VAL A 171 21.99 35.44 -3.70
CA VAL A 171 20.78 36.07 -4.21
C VAL A 171 19.57 35.55 -3.43
N CYS A 172 18.84 36.45 -2.80
CA CYS A 172 17.68 36.04 -2.02
C CYS A 172 16.46 35.81 -2.94
N SER A 173 15.53 35.00 -2.45
CA SER A 173 14.28 34.78 -3.17
C SER A 173 13.39 36.01 -3.06
N ASP A 174 12.74 36.37 -4.17
CA ASP A 174 11.85 37.53 -4.23
C ASP A 174 10.53 37.31 -3.50
N ILE A 175 10.40 36.27 -2.67
CA ILE A 175 9.10 35.89 -2.11
C ILE A 175 9.24 35.49 -0.65
N PHE A 176 10.34 34.80 -0.33
CA PHE A 176 10.60 34.31 1.03
C PHE A 176 11.82 35.01 1.59
N PRO A 177 11.69 35.70 2.73
CA PRO A 177 12.85 36.35 3.34
C PRO A 177 13.81 35.36 3.95
N HIS A 178 15.10 35.70 3.87
CA HIS A 178 16.18 34.95 4.52
C HIS A 178 16.32 33.54 3.97
N ILE A 179 16.08 33.33 2.68
CA ILE A 179 16.09 31.99 2.12
C ILE A 179 16.71 32.05 0.72
N ASP A 180 17.66 31.15 0.47
CA ASP A 180 18.31 31.11 -0.82
C ASP A 180 17.34 30.67 -1.92
N LYS A 181 17.68 31.01 -3.16
CA LYS A 181 16.99 30.46 -4.31
C LYS A 181 17.45 29.06 -4.65
N THR A 182 18.51 28.56 -4.01
CA THR A 182 18.93 27.18 -4.15
C THR A 182 18.24 26.27 -3.13
N TYR A 183 18.07 26.75 -1.90
CA TYR A 183 17.27 26.02 -0.93
C TYR A 183 15.85 25.79 -1.42
N LEU A 184 15.33 26.69 -2.26
CA LEU A 184 14.04 26.44 -2.90
C LEU A 184 14.11 25.22 -3.80
N MET A 185 15.10 25.18 -4.71
CA MET A 185 15.23 24.03 -5.59
C MET A 185 15.55 22.75 -4.84
N PHE A 186 16.16 22.86 -3.66
CA PHE A 186 16.34 21.69 -2.81
C PHE A 186 15.05 21.30 -2.12
N TRP A 187 14.15 22.26 -1.89
CA TRP A 187 12.89 21.97 -1.24
C TRP A 187 11.78 21.70 -2.24
N ILE A 188 11.72 22.46 -3.33
CA ILE A 188 10.76 22.16 -4.39
C ILE A 188 11.21 20.93 -5.16
N GLY A 189 12.52 20.69 -5.25
CA GLY A 189 13.01 19.52 -5.96
C GLY A 189 12.67 18.23 -5.25
N VAL A 190 13.02 18.15 -3.95
CA VAL A 190 12.77 16.93 -3.18
C VAL A 190 11.28 16.66 -3.02
N VAL A 191 10.43 17.66 -3.22
CA VAL A 191 8.99 17.51 -3.03
C VAL A 191 8.28 17.18 -4.34
N SER A 192 8.67 17.83 -5.44
CA SER A 192 8.05 17.55 -6.73
C SER A 192 8.35 16.13 -7.18
N VAL A 193 9.55 15.64 -6.94
CA VAL A 193 9.88 14.29 -7.33
C VAL A 193 9.28 13.29 -6.36
N LEU A 194 9.11 13.67 -5.09
CA LEU A 194 8.45 12.79 -4.14
C LEU A 194 6.99 12.58 -4.53
N LEU A 195 6.27 13.67 -4.76
CA LEU A 195 4.91 13.55 -5.27
C LEU A 195 4.85 12.77 -6.58
N LEU A 196 5.87 12.93 -7.43
CA LEU A 196 5.90 12.19 -8.69
C LEU A 196 5.91 10.69 -8.45
N PHE A 197 6.86 10.20 -7.66
CA PHE A 197 6.87 8.79 -7.30
C PHE A 197 5.59 8.40 -6.57
N ILE A 198 5.14 9.24 -5.64
CA ILE A 198 3.92 8.95 -4.88
C ILE A 198 2.72 8.86 -5.82
N VAL A 199 2.60 9.80 -6.76
CA VAL A 199 1.52 9.71 -7.75
C VAL A 199 1.69 8.45 -8.59
N TYR A 200 2.91 8.14 -8.98
CA TYR A 200 3.15 6.91 -9.73
C TYR A 200 2.97 5.68 -8.86
N ALA A 201 3.22 5.80 -7.55
CA ALA A 201 3.13 4.64 -6.66
C ALA A 201 1.70 4.16 -6.53
N TYR A 202 0.77 5.07 -6.21
CA TYR A 202 -0.63 4.69 -6.04
C TYR A 202 -1.29 4.27 -7.34
N MET A 203 -0.74 4.68 -8.50
CA MET A 203 -1.30 4.25 -9.78
C MET A 203 -0.84 2.85 -10.16
N TYR A 204 0.35 2.44 -9.72
CA TYR A 204 0.77 1.06 -9.88
C TYR A 204 -0.06 0.13 -8.99
N ILE A 205 -0.29 0.55 -7.75
CA ILE A 205 -1.07 -0.27 -6.81
C ILE A 205 -2.50 -0.45 -7.33
N LEU A 206 -3.08 0.60 -7.92
CA LEU A 206 -4.45 0.51 -8.40
C LEU A 206 -4.54 -0.24 -9.72
N TRP A 207 -3.59 -0.02 -10.62
CA TRP A 207 -3.63 -0.68 -11.93
C TRP A 207 -3.47 -2.19 -11.78
N LYS A 208 -2.48 -2.63 -11.00
CA LYS A 208 -2.24 -4.05 -10.80
C LYS A 208 -3.13 -4.64 -9.70
N ALA A 209 -4.19 -3.93 -9.29
CA ALA A 209 -5.16 -4.46 -8.33
C ALA A 209 -6.44 -4.97 -8.99
N GLY A 210 -6.72 -4.53 -10.22
CA GLY A 210 -7.80 -5.10 -10.99
C GLY A 210 -7.31 -6.26 -11.82
N ILE A 211 -6.16 -6.80 -11.45
CA ILE A 211 -5.55 -7.93 -12.14
C ILE A 211 -5.74 -9.21 -11.32
N ASN A 217 -14.22 -15.21 -9.11
CA ASN A 217 -15.43 -15.76 -8.52
C ASN A 217 -15.70 -17.16 -9.05
N GLU A 218 -15.95 -18.11 -8.14
CA GLU A 218 -16.25 -19.48 -8.54
C GLU A 218 -17.65 -19.63 -9.10
N SER A 219 -18.49 -18.60 -9.01
CA SER A 219 -19.80 -18.63 -9.65
C SER A 219 -19.72 -18.52 -11.16
N TYR A 220 -18.53 -18.30 -11.72
CA TYR A 220 -18.36 -18.28 -13.17
C TYR A 220 -18.23 -19.69 -13.74
N LEU A 221 -17.64 -20.61 -12.98
CA LEU A 221 -17.56 -22.00 -13.39
C LEU A 221 -18.84 -22.73 -13.05
N THR A 222 -19.43 -23.41 -14.03
CA THR A 222 -20.76 -24.00 -13.89
C THR A 222 -20.68 -25.52 -13.95
N GLY A 223 -21.62 -26.16 -13.26
CA GLY A 223 -21.71 -27.61 -13.22
C GLY A 223 -21.06 -28.17 -11.97
N SER A 224 -21.14 -29.50 -11.86
CA SER A 224 -20.47 -30.20 -10.77
C SER A 224 -18.98 -30.27 -11.04
N ARG A 225 -18.21 -30.47 -9.98
CA ARG A 225 -16.76 -30.59 -10.14
C ARG A 225 -16.39 -31.89 -10.83
N ASP A 226 -17.13 -32.96 -10.58
CA ASP A 226 -16.85 -34.23 -11.25
C ASP A 226 -16.98 -34.09 -12.77
N GLU A 227 -17.95 -33.31 -13.23
CA GLU A 227 -18.10 -33.10 -14.66
C GLU A 227 -16.94 -32.29 -15.23
N ARG A 228 -16.60 -31.17 -14.59
CA ARG A 228 -15.52 -30.32 -15.08
C ARG A 228 -14.16 -31.03 -14.97
N LYS A 229 -14.02 -31.95 -14.02
CA LYS A 229 -12.79 -32.71 -13.94
C LYS A 229 -12.80 -33.91 -14.87
N LYS A 230 -13.99 -34.45 -15.18
CA LYS A 230 -14.08 -35.51 -16.19
C LYS A 230 -13.82 -34.97 -17.59
N SER A 231 -14.14 -33.70 -17.83
CA SER A 231 -13.82 -33.07 -19.10
C SER A 231 -12.35 -32.68 -19.21
N LEU A 232 -11.71 -32.41 -18.07
CA LEU A 232 -10.31 -31.98 -18.07
C LEU A 232 -9.37 -33.15 -18.32
N LEU A 233 -9.51 -34.24 -17.56
CA LEU A 233 -8.63 -35.38 -17.72
C LEU A 233 -8.85 -36.08 -19.06
N SER A 234 -10.04 -35.95 -19.64
CA SER A 234 -10.28 -36.49 -20.97
C SER A 234 -9.47 -35.74 -22.03
N LYS A 235 -9.21 -34.45 -21.80
CA LYS A 235 -8.35 -33.69 -22.71
C LYS A 235 -6.94 -34.25 -22.73
N PHE A 236 -6.40 -34.56 -21.56
CA PHE A 236 -5.09 -35.20 -21.48
C PHE A 236 -5.13 -36.68 -21.85
N GLY A 237 -6.31 -37.29 -21.81
CA GLY A 237 -6.45 -38.68 -22.17
C GLY A 237 -6.29 -39.66 -21.03
N MET A 238 -6.47 -39.23 -19.79
CA MET A 238 -6.37 -40.13 -18.64
C MET A 238 -7.74 -40.34 -18.01
N ASP A 239 -7.83 -41.42 -17.24
CA ASP A 239 -9.09 -41.79 -16.60
C ASP A 239 -9.47 -40.77 -15.53
N GLU A 240 -10.73 -40.86 -15.08
CA GLU A 240 -11.22 -40.09 -13.96
C GLU A 240 -10.31 -40.59 -12.84
N GLY A 241 -9.40 -39.73 -12.38
CA GLY A 241 -8.51 -40.07 -11.29
C GLY A 241 -8.50 -38.86 -10.38
N VAL A 242 -7.76 -39.00 -9.28
CA VAL A 242 -7.56 -37.91 -8.33
C VAL A 242 -6.47 -36.99 -8.88
N THR A 243 -6.81 -35.73 -9.14
CA THR A 243 -5.94 -34.81 -9.85
C THR A 243 -5.24 -33.89 -8.85
N PHE A 244 -3.94 -34.05 -8.70
CA PHE A 244 -3.11 -33.13 -7.94
C PHE A 244 -2.46 -32.12 -8.89
N MET A 245 -2.28 -30.90 -8.40
CA MET A 245 -1.80 -29.81 -9.24
C MET A 245 -0.73 -29.00 -8.52
N PHE A 246 0.31 -28.63 -9.26
CA PHE A 246 1.33 -27.71 -8.79
C PHE A 246 1.50 -26.59 -9.81
N ILE A 247 1.57 -25.35 -9.32
CA ILE A 247 1.77 -24.17 -10.16
C ILE A 247 2.90 -23.35 -9.57
N GLY A 248 3.79 -22.86 -10.41
CA GLY A 248 4.83 -21.97 -9.96
C GLY A 248 6.13 -22.21 -10.72
N ARG A 249 7.07 -21.30 -10.50
CA ARG A 249 8.37 -21.39 -11.14
C ARG A 249 9.09 -22.65 -10.68
N PHE A 250 9.96 -23.17 -11.55
CA PHE A 250 10.81 -24.30 -11.22
C PHE A 250 12.09 -23.78 -10.56
N ASP A 251 12.35 -24.20 -9.34
CA ASP A 251 13.60 -23.86 -8.66
C ASP A 251 13.80 -24.79 -7.47
N ARG A 252 15.01 -24.76 -6.92
CA ARG A 252 15.35 -25.48 -5.71
C ARG A 252 15.53 -24.57 -4.51
N GLY A 253 15.36 -23.26 -4.69
CA GLY A 253 15.65 -22.29 -3.65
C GLY A 253 14.51 -22.02 -2.69
N GLN A 254 13.31 -21.80 -3.24
CA GLN A 254 12.14 -21.51 -2.41
C GLN A 254 10.87 -22.25 -2.81
N LYS A 255 10.65 -22.57 -4.09
CA LYS A 255 9.46 -23.31 -4.48
C LYS A 255 9.78 -24.80 -4.49
N GLY A 256 8.83 -25.61 -4.05
CA GLY A 256 9.12 -27.02 -3.83
C GLY A 256 8.88 -27.93 -5.00
N VAL A 257 9.05 -27.43 -6.23
CA VAL A 257 8.91 -28.29 -7.40
C VAL A 257 9.94 -29.41 -7.36
N ASP A 258 11.15 -29.11 -6.89
CA ASP A 258 12.13 -30.17 -6.69
C ASP A 258 11.67 -31.12 -5.59
N VAL A 259 11.01 -30.60 -4.55
CA VAL A 259 10.46 -31.45 -3.51
C VAL A 259 9.33 -32.30 -4.06
N LEU A 260 8.49 -31.71 -4.91
CA LEU A 260 7.32 -32.44 -5.43
C LEU A 260 7.74 -33.57 -6.35
N LEU A 261 8.74 -33.34 -7.20
CA LEU A 261 9.20 -34.38 -8.12
C LEU A 261 9.87 -35.53 -7.38
N LYS A 262 10.49 -35.24 -6.24
CA LYS A 262 11.05 -36.31 -5.41
C LYS A 262 9.97 -37.16 -4.77
N ALA A 263 8.73 -36.66 -4.71
CA ALA A 263 7.61 -37.40 -4.14
C ALA A 263 6.86 -38.20 -5.19
N ILE A 264 6.62 -37.61 -6.37
CA ILE A 264 5.93 -38.32 -7.44
C ILE A 264 6.72 -39.54 -7.87
N GLU A 265 8.05 -39.48 -7.77
CA GLU A 265 8.87 -40.62 -8.17
C GLU A 265 8.83 -41.74 -7.13
N ILE A 266 8.92 -41.40 -5.84
CA ILE A 266 8.90 -42.42 -4.81
C ILE A 266 7.48 -42.95 -4.58
N LEU A 267 6.45 -42.17 -4.92
CA LEU A 267 5.09 -42.70 -4.92
C LEU A 267 4.84 -43.64 -6.08
N SER A 268 5.66 -43.57 -7.14
CA SER A 268 5.48 -44.48 -8.27
C SER A 268 5.75 -45.92 -7.86
N SER A 269 6.55 -46.14 -6.82
CA SER A 269 6.84 -47.47 -6.30
C SER A 269 5.79 -47.91 -5.29
N LYS A 270 4.51 -47.72 -5.62
CA LYS A 270 3.44 -48.05 -4.69
C LYS A 270 2.19 -48.45 -5.46
N LYS A 271 1.29 -49.14 -4.74
CA LYS A 271 0.05 -49.64 -5.33
C LYS A 271 -0.97 -48.53 -5.53
N GLU A 272 -0.89 -47.47 -4.73
CA GLU A 272 -1.83 -46.36 -4.81
C GLU A 272 -1.49 -45.35 -5.90
N PHE A 273 -0.46 -45.62 -6.70
CA PHE A 273 -0.03 -44.68 -7.74
C PHE A 273 -0.93 -44.72 -8.97
N GLN A 274 -1.63 -45.83 -9.20
CA GLN A 274 -2.47 -45.96 -10.39
C GLN A 274 -3.59 -44.93 -10.38
N GLU A 275 -4.26 -44.78 -9.24
CA GLU A 275 -5.37 -43.85 -9.14
C GLU A 275 -4.91 -42.39 -9.14
N MET A 276 -3.65 -42.13 -8.83
CA MET A 276 -3.15 -40.76 -8.70
C MET A 276 -2.83 -40.16 -10.06
N ARG A 277 -3.42 -38.99 -10.33
CA ARG A 277 -3.11 -38.21 -11.52
C ARG A 277 -2.42 -36.91 -11.09
N PHE A 278 -1.28 -36.61 -11.73
CA PHE A 278 -0.48 -35.44 -11.41
C PHE A 278 -0.36 -34.54 -12.63
N ILE A 279 -0.45 -33.24 -12.42
CA ILE A 279 -0.32 -32.24 -13.47
C ILE A 279 0.45 -31.05 -12.91
N ILE A 280 1.54 -30.67 -13.58
CA ILE A 280 2.48 -29.65 -13.11
C ILE A 280 2.69 -28.61 -14.20
N ILE A 281 2.69 -27.34 -13.82
CA ILE A 281 3.01 -26.25 -14.73
C ILE A 281 4.09 -25.37 -14.10
N GLY A 282 5.01 -24.90 -14.92
CA GLY A 282 6.08 -24.04 -14.44
C GLY A 282 7.13 -23.83 -15.49
N LYS A 283 8.18 -23.11 -15.09
CA LYS A 283 9.28 -22.79 -16.00
C LYS A 283 10.47 -22.33 -15.18
N GLY A 284 11.62 -22.98 -15.35
CA GLY A 284 12.80 -22.60 -14.60
C GLY A 284 14.09 -23.31 -14.97
N ASP A 285 14.60 -24.12 -14.05
CA ASP A 285 15.87 -24.80 -14.27
C ASP A 285 15.75 -25.81 -15.40
N PRO A 286 16.57 -25.70 -16.45
CA PRO A 286 16.49 -26.69 -17.54
C PRO A 286 16.69 -28.12 -17.08
N GLU A 287 17.48 -28.33 -16.02
CA GLU A 287 17.61 -29.67 -15.47
C GLU A 287 16.39 -30.08 -14.65
N LEU A 288 15.76 -29.12 -13.95
CA LEU A 288 14.47 -29.40 -13.32
C LEU A 288 13.40 -29.65 -14.36
N GLU A 289 13.49 -28.99 -15.51
CA GLU A 289 12.55 -29.25 -16.60
C GLU A 289 12.86 -30.59 -17.27
N GLY A 290 14.14 -30.89 -17.48
CA GLY A 290 14.52 -32.18 -18.02
C GLY A 290 14.21 -33.35 -17.11
N TRP A 291 14.00 -33.07 -15.82
CA TRP A 291 13.61 -34.10 -14.87
C TRP A 291 12.10 -34.32 -14.89
N ALA A 292 11.33 -33.24 -14.93
CA ALA A 292 9.87 -33.37 -14.88
C ALA A 292 9.31 -33.91 -16.20
N ARG A 293 9.91 -33.51 -17.33
CA ARG A 293 9.36 -33.94 -18.62
C ARG A 293 9.64 -35.41 -18.88
N SER A 294 10.71 -35.96 -18.28
CA SER A 294 10.95 -37.39 -18.39
C SER A 294 9.82 -38.18 -17.74
N LEU A 295 9.37 -37.74 -16.56
CA LEU A 295 8.25 -38.40 -15.90
C LEU A 295 6.98 -38.33 -16.73
N GLU A 296 6.80 -37.24 -17.50
CA GLU A 296 5.58 -37.08 -18.29
C GLU A 296 5.45 -38.20 -19.32
N GLU A 297 6.58 -38.62 -19.90
CA GLU A 297 6.56 -39.75 -20.83
C GLU A 297 6.89 -41.07 -20.16
N LYS A 298 7.60 -41.04 -19.02
CA LYS A 298 7.85 -42.29 -18.30
C LYS A 298 6.57 -42.84 -17.69
N HIS A 299 5.70 -41.95 -17.20
CA HIS A 299 4.44 -42.34 -16.60
C HIS A 299 3.29 -41.92 -17.51
N GLY A 300 2.21 -42.70 -17.47
CA GLY A 300 1.01 -42.39 -18.19
C GLY A 300 0.00 -41.56 -17.45
N ASN A 301 0.31 -41.15 -16.21
CA ASN A 301 -0.61 -40.38 -15.38
C ASN A 301 -0.03 -39.05 -14.92
N VAL A 302 1.07 -38.61 -15.51
CA VAL A 302 1.66 -37.31 -15.20
C VAL A 302 1.76 -36.52 -16.48
N LYS A 303 1.28 -35.27 -16.45
CA LYS A 303 1.35 -34.36 -17.59
C LYS A 303 1.93 -33.03 -17.11
N VAL A 304 3.00 -32.57 -17.76
CA VAL A 304 3.70 -31.35 -17.39
C VAL A 304 3.53 -30.33 -18.50
N ILE A 305 3.04 -29.14 -18.14
CA ILE A 305 2.76 -28.06 -19.09
C ILE A 305 3.70 -26.91 -18.76
N THR A 306 4.69 -26.68 -19.62
CA THR A 306 5.65 -25.59 -19.42
C THR A 306 5.69 -24.64 -20.60
N GLU A 307 4.55 -24.42 -21.24
CA GLU A 307 4.50 -23.58 -22.43
C GLU A 307 3.08 -23.14 -22.70
N MET A 308 2.90 -21.84 -22.91
CA MET A 308 1.60 -21.27 -23.31
C MET A 308 0.48 -21.68 -22.37
N LEU A 309 0.42 -21.07 -21.19
CA LEU A 309 -0.65 -21.33 -20.23
C LEU A 309 -1.55 -20.11 -20.16
N SER A 310 -2.79 -20.27 -20.62
CA SER A 310 -3.75 -19.18 -20.57
C SER A 310 -4.19 -18.93 -19.13
N ARG A 311 -4.26 -17.66 -18.75
CA ARG A 311 -4.54 -17.30 -17.37
C ARG A 311 -5.97 -17.67 -16.95
N GLU A 312 -6.87 -17.84 -17.90
CA GLU A 312 -8.20 -18.35 -17.58
C GLU A 312 -8.29 -19.85 -17.73
N PHE A 313 -7.38 -20.47 -18.48
CA PHE A 313 -7.27 -21.93 -18.47
C PHE A 313 -6.81 -22.40 -17.09
N VAL A 314 -5.76 -21.77 -16.55
CA VAL A 314 -5.34 -22.06 -15.18
C VAL A 314 -6.47 -21.76 -14.20
N ARG A 315 -7.34 -20.81 -14.53
CA ARG A 315 -8.53 -20.60 -13.74
C ARG A 315 -9.48 -21.78 -13.83
N GLU A 316 -9.52 -22.46 -14.99
CA GLU A 316 -10.30 -23.69 -15.10
C GLU A 316 -9.65 -24.85 -14.35
N LEU A 317 -8.33 -24.80 -14.17
CA LEU A 317 -7.65 -25.87 -13.43
C LEU A 317 -8.01 -25.84 -11.95
N TYR A 318 -7.91 -24.66 -11.32
CA TYR A 318 -8.22 -24.55 -9.90
C TYR A 318 -9.60 -25.05 -9.58
N GLY A 319 -10.56 -24.86 -10.48
CA GLY A 319 -11.94 -25.25 -10.24
C GLY A 319 -12.26 -26.66 -10.68
N SER A 320 -11.42 -27.24 -11.53
CA SER A 320 -11.64 -28.61 -11.99
C SER A 320 -10.95 -29.63 -11.09
N VAL A 321 -9.68 -29.39 -10.75
CA VAL A 321 -8.91 -30.30 -9.91
C VAL A 321 -9.50 -30.33 -8.52
N ASP A 322 -8.91 -31.14 -7.63
CA ASP A 322 -9.37 -31.21 -6.26
C ASP A 322 -8.28 -31.01 -5.22
N PHE A 323 -7.01 -30.99 -5.61
CA PHE A 323 -5.92 -30.73 -4.68
C PHE A 323 -4.92 -29.77 -5.30
N VAL A 324 -4.40 -28.87 -4.48
CA VAL A 324 -3.35 -27.93 -4.86
C VAL A 324 -2.11 -28.25 -4.04
N ILE A 325 -0.95 -28.22 -4.68
CA ILE A 325 0.32 -28.56 -4.04
C ILE A 325 1.19 -27.32 -4.04
N ILE A 326 1.40 -26.73 -2.87
CA ILE A 326 2.31 -25.61 -2.70
C ILE A 326 3.47 -26.07 -1.83
N PRO A 327 4.41 -26.84 -2.36
CA PRO A 327 5.46 -27.42 -1.51
C PRO A 327 6.62 -26.47 -1.31
N SER A 328 6.38 -25.18 -1.54
CA SER A 328 7.42 -24.17 -1.44
C SER A 328 8.01 -24.14 -0.03
N TYR A 329 9.27 -23.71 0.04
CA TYR A 329 9.94 -23.61 1.33
C TYR A 329 9.37 -22.49 2.19
N PHE A 330 8.86 -21.43 1.57
CA PHE A 330 8.19 -20.34 2.27
C PHE A 330 7.46 -19.46 1.27
N GLU A 331 6.19 -19.19 1.52
CA GLU A 331 5.40 -18.36 0.61
C GLU A 331 5.48 -16.91 1.06
N PRO A 332 6.03 -16.01 0.24
CA PRO A 332 6.02 -14.60 0.63
C PRO A 332 4.65 -13.97 0.54
N PHE A 333 3.82 -14.42 -0.41
CA PHE A 333 2.44 -13.96 -0.53
C PHE A 333 1.63 -15.07 -1.17
N GLY A 334 0.46 -15.34 -0.59
CA GLY A 334 -0.37 -16.45 -1.03
C GLY A 334 -1.09 -16.18 -2.35
N LEU A 335 -0.33 -16.19 -3.45
CA LEU A 335 -0.92 -15.89 -4.75
C LEU A 335 -1.75 -17.05 -5.27
N VAL A 336 -1.19 -18.26 -5.27
CA VAL A 336 -1.98 -19.44 -5.61
C VAL A 336 -2.88 -19.83 -4.44
N ALA A 337 -2.36 -19.72 -3.21
CA ALA A 337 -3.10 -20.16 -2.03
C ALA A 337 -4.49 -19.52 -1.97
N LEU A 338 -4.60 -18.26 -2.39
CA LEU A 338 -5.88 -17.56 -2.32
C LEU A 338 -6.75 -17.89 -3.52
N GLU A 339 -6.19 -17.83 -4.73
CA GLU A 339 -6.98 -18.07 -5.93
C GLU A 339 -7.46 -19.52 -5.99
N ALA A 340 -6.62 -20.46 -5.57
CA ALA A 340 -7.00 -21.87 -5.56
C ALA A 340 -8.14 -22.12 -4.59
N MET A 341 -7.94 -21.73 -3.33
CA MET A 341 -8.98 -21.95 -2.32
C MET A 341 -10.29 -21.26 -2.70
N CYS A 342 -10.20 -20.05 -3.26
CA CYS A 342 -11.40 -19.36 -3.73
C CYS A 342 -12.15 -20.18 -4.76
N LEU A 343 -11.43 -20.94 -5.58
CA LEU A 343 -12.03 -21.85 -6.53
C LEU A 343 -12.19 -23.26 -5.96
N GLY A 344 -12.11 -23.39 -4.64
CA GLY A 344 -12.46 -24.63 -3.96
C GLY A 344 -11.54 -25.81 -4.22
N ALA A 345 -10.23 -25.59 -4.28
CA ALA A 345 -9.25 -26.64 -4.48
C ALA A 345 -8.38 -26.73 -3.25
N ILE A 346 -8.43 -27.87 -2.56
CA ILE A 346 -7.77 -28.07 -1.28
C ILE A 346 -6.26 -27.97 -1.46
N PRO A 347 -5.61 -27.03 -0.81
CA PRO A 347 -4.16 -26.88 -0.99
C PRO A 347 -3.36 -27.69 0.02
N ILE A 348 -2.35 -28.42 -0.47
CA ILE A 348 -1.43 -29.16 0.39
C ILE A 348 -0.10 -28.42 0.45
N ALA A 349 0.07 -27.55 1.43
CA ALA A 349 1.25 -26.70 1.52
C ALA A 349 1.91 -26.88 2.87
N SER A 350 3.15 -26.38 2.97
CA SER A 350 3.89 -26.45 4.21
C SER A 350 3.61 -25.21 5.07
N ALA A 351 3.74 -25.39 6.38
CA ALA A 351 3.36 -24.36 7.35
C ALA A 351 4.49 -23.34 7.54
N VAL A 352 4.90 -22.74 6.44
CA VAL A 352 5.92 -21.69 6.44
C VAL A 352 5.32 -20.43 5.84
N GLY A 353 5.62 -19.29 6.45
CA GLY A 353 5.10 -18.04 5.94
C GLY A 353 3.62 -17.89 6.25
N GLY A 354 2.90 -17.25 5.34
CA GLY A 354 1.47 -17.04 5.53
C GLY A 354 0.66 -18.31 5.49
N LEU A 355 1.20 -19.39 4.92
CA LEU A 355 0.47 -20.62 4.72
C LEU A 355 0.14 -21.34 6.03
N ARG A 356 0.51 -20.73 7.16
CA ARG A 356 0.17 -21.29 8.46
C ARG A 356 -1.24 -20.88 8.88
N ASP A 357 -1.61 -19.61 8.70
CA ASP A 357 -2.90 -19.10 9.13
C ASP A 357 -3.90 -18.94 7.99
N ILE A 358 -3.65 -19.59 6.86
CA ILE A 358 -4.61 -19.62 5.75
C ILE A 358 -4.91 -21.08 5.44
N ILE A 359 -3.91 -21.94 5.62
CA ILE A 359 -4.03 -23.37 5.43
C ILE A 359 -3.85 -24.00 6.80
N THR A 360 -4.91 -24.58 7.34
CA THR A 360 -4.91 -25.14 8.68
C THR A 360 -5.39 -26.58 8.65
N ASN A 361 -5.46 -27.19 9.84
CA ASN A 361 -5.90 -28.57 9.98
C ASN A 361 -7.37 -28.75 9.62
N GLU A 362 -8.09 -27.66 9.32
CA GLU A 362 -9.49 -27.73 8.90
C GLU A 362 -9.71 -27.11 7.53
N THR A 363 -8.63 -26.79 6.81
CA THR A 363 -8.78 -26.18 5.49
C THR A 363 -7.97 -26.93 4.43
N GLY A 364 -6.89 -27.58 4.84
CA GLY A 364 -6.02 -28.27 3.91
C GLY A 364 -5.16 -29.29 4.61
N ILE A 365 -3.99 -29.57 4.01
CA ILE A 365 -3.07 -30.58 4.49
C ILE A 365 -1.69 -29.95 4.65
N LEU A 366 -1.19 -29.90 5.88
CA LEU A 366 0.10 -29.31 6.18
C LEU A 366 1.19 -30.37 6.09
N VAL A 367 2.29 -30.03 5.43
CA VAL A 367 3.44 -30.92 5.29
C VAL A 367 4.67 -30.21 5.84
N LYS A 368 5.75 -30.97 5.97
CA LYS A 368 7.02 -30.38 6.38
C LYS A 368 7.71 -29.78 5.16
N ALA A 369 8.24 -28.57 5.32
CA ALA A 369 8.85 -27.86 4.20
C ALA A 369 10.09 -28.59 3.71
N GLY A 370 10.23 -28.66 2.39
CA GLY A 370 11.39 -29.29 1.79
C GLY A 370 11.59 -30.74 2.16
N ASP A 371 10.52 -31.43 2.56
CA ASP A 371 10.62 -32.83 2.94
C ASP A 371 9.97 -33.69 1.87
N PRO A 372 10.75 -34.36 1.01
CA PRO A 372 10.15 -35.15 -0.08
C PRO A 372 9.40 -36.37 0.42
N GLY A 373 9.88 -37.01 1.49
CA GLY A 373 9.21 -38.21 1.97
C GLY A 373 7.87 -37.92 2.62
N GLU A 374 7.86 -36.96 3.55
CA GLU A 374 6.62 -36.63 4.24
C GLU A 374 5.64 -35.90 3.33
N LEU A 375 6.12 -35.33 2.23
CA LEU A 375 5.19 -34.85 1.21
C LEU A 375 4.43 -36.01 0.57
N ALA A 376 5.14 -37.08 0.23
CA ALA A 376 4.49 -38.25 -0.34
C ALA A 376 3.55 -38.90 0.66
N ASN A 377 3.99 -39.06 1.92
CA ASN A 377 3.15 -39.64 2.95
C ASN A 377 1.91 -38.81 3.20
N ALA A 378 1.91 -37.53 2.80
CA ALA A 378 0.73 -36.69 2.86
C ALA A 378 -0.06 -36.69 1.56
N ILE A 379 0.50 -37.25 0.48
CA ILE A 379 -0.30 -37.46 -0.72
C ILE A 379 -1.07 -38.77 -0.63
N LEU A 380 -0.50 -39.79 0.03
CA LEU A 380 -1.23 -41.02 0.27
C LEU A 380 -2.37 -40.81 1.27
N LYS A 381 -2.18 -39.94 2.25
CA LYS A 381 -3.27 -39.60 3.16
C LYS A 381 -4.42 -38.92 2.43
N ALA A 382 -4.10 -38.09 1.44
CA ALA A 382 -5.15 -37.43 0.67
C ALA A 382 -5.96 -38.42 -0.14
N LEU A 383 -5.34 -39.52 -0.57
CA LEU A 383 -6.03 -40.51 -1.38
C LEU A 383 -7.06 -41.30 -0.58
N GLU A 384 -6.92 -41.33 0.74
CA GLU A 384 -7.75 -42.19 1.56
C GLU A 384 -8.70 -41.38 2.44
N LEU A 385 -9.59 -40.62 1.81
CA LEU A 385 -10.61 -39.89 2.55
C LEU A 385 -11.85 -39.76 1.68
N SER A 386 -12.99 -39.51 2.34
CA SER A 386 -14.30 -39.53 1.72
C SER A 386 -14.72 -38.13 1.26
N ARG A 387 -15.81 -38.08 0.49
CA ARG A 387 -16.34 -36.79 0.04
C ARG A 387 -16.83 -35.97 1.23
N SER A 388 -17.39 -36.64 2.24
CA SER A 388 -17.80 -35.94 3.46
C SER A 388 -16.67 -35.04 3.98
N ASP A 389 -15.47 -35.60 4.08
CA ASP A 389 -14.30 -34.80 4.44
C ASP A 389 -13.86 -33.92 3.27
N LEU A 390 -13.90 -34.46 2.05
CA LEU A 390 -13.34 -33.74 0.91
C LEU A 390 -14.20 -32.53 0.55
N SER A 391 -15.52 -32.72 0.49
CA SER A 391 -16.40 -31.60 0.23
C SER A 391 -16.38 -30.57 1.35
N LYS A 392 -16.02 -30.97 2.58
CA LYS A 392 -15.97 -30.02 3.68
C LYS A 392 -14.68 -29.19 3.66
N PHE A 393 -13.59 -29.75 3.14
CA PHE A 393 -12.38 -28.97 2.97
C PHE A 393 -12.52 -27.95 1.84
N ARG A 394 -13.20 -28.33 0.76
CA ARG A 394 -13.41 -27.40 -0.35
C ARG A 394 -14.27 -26.22 0.07
N GLU A 395 -15.13 -26.40 1.08
CA GLU A 395 -15.92 -25.28 1.59
C GLU A 395 -15.06 -24.35 2.44
N ASN A 396 -14.29 -24.92 3.38
CA ASN A 396 -13.42 -24.13 4.22
C ASN A 396 -12.33 -23.42 3.43
N CYS A 397 -12.03 -23.90 2.22
CA CYS A 397 -11.20 -23.14 1.30
C CYS A 397 -12.00 -22.04 0.61
N LYS A 398 -13.29 -22.31 0.34
CA LYS A 398 -14.17 -21.28 -0.22
C LYS A 398 -14.56 -20.25 0.83
N LYS A 399 -14.60 -20.63 2.11
CA LYS A 399 -14.95 -19.71 3.17
C LYS A 399 -13.79 -18.82 3.60
N ARG A 400 -12.56 -19.34 3.54
CA ARG A 400 -11.41 -18.54 3.93
C ARG A 400 -11.15 -17.43 2.92
N ALA A 401 -11.37 -17.70 1.64
CA ALA A 401 -11.07 -16.73 0.60
C ALA A 401 -11.94 -15.48 0.70
N MET A 402 -13.19 -15.63 1.14
CA MET A 402 -14.07 -14.47 1.26
C MET A 402 -13.61 -13.51 2.34
N SER A 403 -12.83 -13.99 3.30
CA SER A 403 -12.21 -13.12 4.29
C SER A 403 -10.99 -12.40 3.74
N PHE A 404 -10.68 -12.57 2.46
CA PHE A 404 -9.52 -11.94 1.84
C PHE A 404 -9.94 -11.00 0.70
N SER A 405 -10.52 -11.56 -0.36
CA SER A 405 -11.03 -10.69 -1.39
C SER A 405 -11.93 -9.63 -0.71
N ASP A 406 -12.46 -9.99 0.47
CA ASP A 406 -13.04 -9.06 1.42
C ASP A 406 -12.13 -7.94 1.96
N GLN A 407 -11.20 -8.27 2.86
CA GLN A 407 -10.34 -7.21 3.38
C GLN A 407 -9.56 -6.59 2.23
N ALA A 408 -9.08 -7.40 1.28
CA ALA A 408 -8.38 -6.84 0.12
C ALA A 408 -9.28 -5.91 -0.69
N ARG A 409 -10.60 -5.99 -0.49
CA ARG A 409 -11.49 -4.98 -1.05
C ARG A 409 -11.54 -3.74 -0.19
N MET A 410 -11.61 -3.91 1.13
CA MET A 410 -11.52 -2.76 2.03
C MET A 410 -10.16 -2.09 1.94
N ASP A 411 -9.11 -2.84 1.58
CA ASP A 411 -7.82 -2.24 1.33
C ASP A 411 -7.84 -1.39 0.06
N ILE A 412 -8.34 -1.95 -1.04
CA ILE A 412 -8.41 -1.22 -2.31
C ILE A 412 -9.22 0.05 -2.17
N GLU A 413 -10.26 0.04 -1.33
CA GLU A 413 -11.03 1.26 -1.11
C GLU A 413 -10.21 2.33 -0.38
N LEU A 414 -9.24 1.90 0.44
CA LEU A 414 -8.41 2.87 1.15
C LEU A 414 -7.32 3.45 0.25
N ALA A 415 -6.84 2.69 -0.73
CA ALA A 415 -5.90 3.23 -1.71
C ALA A 415 -6.57 4.20 -2.65
N LYS A 416 -7.91 4.21 -2.71
CA LYS A 416 -8.63 5.27 -3.41
C LYS A 416 -8.76 6.50 -2.52
N THR A 417 -9.01 6.30 -1.23
CA THR A 417 -9.05 7.41 -0.28
C THR A 417 -7.74 8.17 -0.27
N LEU A 418 -6.62 7.45 -0.24
CA LEU A 418 -5.31 8.10 -0.21
C LEU A 418 -5.06 8.93 -1.46
N VAL A 419 -5.57 8.48 -2.61
CA VAL A 419 -5.41 9.26 -3.84
C VAL A 419 -6.28 10.51 -3.78
N LEU A 420 -7.51 10.39 -3.29
CA LEU A 420 -8.36 11.56 -3.14
C LEU A 420 -7.71 12.58 -2.21
N ILE A 421 -6.99 12.12 -1.20
CA ILE A 421 -6.25 13.05 -0.35
C ILE A 421 -5.05 13.61 -1.10
N LEU A 422 -4.33 12.76 -1.83
CA LEU A 422 -3.20 13.24 -2.62
C LEU A 422 -3.66 14.18 -3.74
N VAL A 423 -4.87 13.97 -4.25
CA VAL A 423 -5.37 14.82 -5.34
C VAL A 423 -5.61 16.24 -4.83
N VAL A 424 -6.37 16.38 -3.74
CA VAL A 424 -6.64 17.70 -3.19
C VAL A 424 -5.44 18.29 -2.47
N LEU A 425 -4.35 17.51 -2.32
CA LEU A 425 -3.10 18.09 -1.88
C LEU A 425 -2.36 18.72 -3.04
N ILE A 426 -2.33 18.04 -4.19
CA ILE A 426 -1.70 18.59 -5.39
C ILE A 426 -2.49 19.79 -5.90
N ILE A 427 -3.80 19.82 -5.68
CA ILE A 427 -4.60 20.93 -6.18
C ILE A 427 -4.37 22.18 -5.34
N CYS A 428 -4.27 22.02 -4.02
CA CYS A 428 -4.07 23.18 -3.15
C CYS A 428 -2.63 23.68 -3.24
N TRP A 429 -1.67 22.79 -3.04
CA TRP A 429 -0.26 23.15 -2.95
C TRP A 429 0.46 23.19 -4.30
N GLY A 430 -0.20 22.79 -5.37
CA GLY A 430 0.39 22.82 -6.70
C GLY A 430 0.63 24.22 -7.22
N PRO A 431 -0.42 25.04 -7.26
CA PRO A 431 -0.22 26.45 -7.67
C PRO A 431 0.79 27.20 -6.83
N LEU A 432 0.73 27.07 -5.51
CA LEU A 432 1.73 27.72 -4.66
C LEU A 432 3.14 27.26 -5.02
N LEU A 433 3.32 25.94 -5.16
CA LEU A 433 4.62 25.38 -5.53
C LEU A 433 5.09 25.94 -6.87
N ALA A 434 4.18 26.05 -7.83
CA ALA A 434 4.56 26.54 -9.17
C ALA A 434 4.88 28.03 -9.14
N ILE A 435 4.21 28.81 -8.31
CA ILE A 435 4.56 30.23 -8.21
C ILE A 435 5.92 30.39 -7.56
N MET A 436 6.31 29.47 -6.68
CA MET A 436 7.67 29.47 -6.16
C MET A 436 8.68 29.15 -7.25
N VAL A 437 8.31 28.30 -8.22
CA VAL A 437 9.25 27.88 -9.25
C VAL A 437 9.74 29.06 -10.07
N TYR A 438 8.82 29.93 -10.48
CA TYR A 438 9.22 31.09 -11.28
C TYR A 438 10.02 32.10 -10.49
N ASP A 439 9.93 32.09 -9.16
CA ASP A 439 10.79 32.95 -8.35
C ASP A 439 12.24 32.55 -8.50
N VAL A 440 12.52 31.26 -8.62
CA VAL A 440 13.89 30.77 -8.80
C VAL A 440 14.49 31.33 -10.08
N PHE A 441 13.74 31.21 -11.18
CA PHE A 441 14.27 31.58 -12.50
C PHE A 441 14.23 33.09 -12.70
N GLY A 442 13.05 33.63 -12.95
CA GLY A 442 12.88 35.05 -13.14
C GLY A 442 12.70 35.79 -11.84
N LYS A 443 12.35 37.07 -11.97
CA LYS A 443 11.98 37.92 -10.84
C LYS A 443 10.48 38.06 -10.78
N MET A 444 10.00 38.47 -9.60
CA MET A 444 8.58 38.63 -9.33
C MET A 444 8.26 40.12 -9.20
N ASN A 445 7.44 40.63 -10.11
CA ASN A 445 7.03 42.02 -10.07
C ASN A 445 6.03 42.21 -8.92
N LYS A 446 5.39 43.37 -8.89
CA LYS A 446 4.46 43.66 -7.80
C LYS A 446 3.24 42.75 -7.85
N LEU A 447 2.69 42.52 -9.04
CA LEU A 447 1.46 41.77 -9.18
C LEU A 447 1.65 40.30 -8.78
N ILE A 448 2.65 39.64 -9.38
CA ILE A 448 2.84 38.22 -9.15
C ILE A 448 3.19 37.92 -7.70
N LYS A 449 3.64 38.93 -6.94
CA LYS A 449 3.98 38.73 -5.54
C LYS A 449 2.78 38.88 -4.61
N THR A 450 1.74 39.61 -5.03
CA THR A 450 0.58 39.81 -4.18
C THR A 450 -0.56 38.83 -4.48
N VAL A 451 -0.60 38.27 -5.68
CA VAL A 451 -1.52 37.16 -5.94
C VAL A 451 -1.09 35.94 -5.15
N PHE A 452 0.21 35.81 -4.86
CA PHE A 452 0.69 34.69 -4.08
C PHE A 452 0.18 34.74 -2.64
N ALA A 453 0.01 35.94 -2.07
CA ALA A 453 -0.48 36.03 -0.70
C ALA A 453 -1.94 35.61 -0.60
N PHE A 454 -2.73 35.85 -1.65
CA PHE A 454 -4.13 35.44 -1.64
C PHE A 454 -4.27 33.97 -2.00
N CYS A 455 -3.45 33.49 -2.93
CA CYS A 455 -3.38 32.05 -3.20
C CYS A 455 -2.74 31.29 -2.05
N SER A 456 -2.07 31.98 -1.14
CA SER A 456 -1.43 31.35 0.00
C SER A 456 -2.44 30.67 0.91
N MET A 457 -3.71 31.07 0.84
CA MET A 457 -4.77 30.54 1.68
C MET A 457 -5.14 29.10 1.34
N LEU A 458 -4.55 28.52 0.28
CA LEU A 458 -4.90 27.16 -0.12
C LEU A 458 -4.40 26.13 0.88
N CYS A 459 -3.29 26.40 1.56
CA CYS A 459 -2.81 25.48 2.58
C CYS A 459 -3.71 25.44 3.81
N LEU A 460 -4.68 26.36 3.91
CA LEU A 460 -5.72 26.30 4.92
C LEU A 460 -6.97 25.60 4.41
N LEU A 461 -7.33 25.84 3.14
CA LEU A 461 -8.44 25.11 2.53
C LEU A 461 -8.12 23.62 2.40
N ASN A 462 -6.86 23.29 2.12
CA ASN A 462 -6.46 21.88 2.11
C ASN A 462 -6.71 21.25 3.47
N SER A 463 -6.29 21.93 4.54
CA SER A 463 -6.57 21.47 5.89
C SER A 463 -8.04 21.59 6.27
N THR A 464 -8.87 22.18 5.41
CA THR A 464 -10.30 22.21 5.63
C THR A 464 -11.02 21.07 4.93
N VAL A 465 -10.52 20.61 3.78
CA VAL A 465 -11.15 19.50 3.08
C VAL A 465 -10.54 18.16 3.45
N ASN A 466 -9.39 18.13 4.13
CA ASN A 466 -8.84 16.85 4.58
C ASN A 466 -9.71 16.19 5.64
N PRO A 467 -10.16 16.88 6.70
CA PRO A 467 -11.09 16.23 7.64
C PRO A 467 -12.46 15.97 7.05
N ILE A 468 -12.88 16.71 6.02
CA ILE A 468 -14.15 16.42 5.38
C ILE A 468 -14.09 15.07 4.66
N ILE A 469 -13.00 14.81 3.94
CA ILE A 469 -12.90 13.59 3.15
C ILE A 469 -12.59 12.36 3.98
N TYR A 470 -12.17 12.51 5.24
CA TYR A 470 -12.18 11.37 6.14
C TYR A 470 -13.60 10.95 6.44
N ALA A 471 -14.46 11.90 6.80
CA ALA A 471 -15.87 11.68 7.11
C ALA A 471 -16.69 11.23 5.91
N LEU A 472 -16.09 11.12 4.72
CA LEU A 472 -16.78 10.64 3.53
C LEU A 472 -16.29 9.28 3.07
N ARG A 473 -14.99 9.01 3.20
CA ARG A 473 -14.41 7.77 2.72
C ARG A 473 -14.30 6.71 3.81
N SER A 474 -13.81 7.10 4.99
CA SER A 474 -13.54 6.14 6.06
C SER A 474 -14.86 5.65 6.63
N LYS A 475 -15.19 4.39 6.33
CA LYS A 475 -16.39 3.77 6.89
C LYS A 475 -16.28 3.57 8.39
N ASP A 476 -15.06 3.35 8.88
CA ASP A 476 -14.85 3.11 10.31
C ASP A 476 -14.95 4.39 11.12
N LEU A 477 -14.41 5.49 10.58
CA LEU A 477 -14.33 6.75 11.33
C LEU A 477 -15.71 7.32 11.61
N ARG A 478 -16.68 7.12 10.71
CA ARG A 478 -18.02 7.61 10.94
C ARG A 478 -18.71 6.81 12.04
N HIS A 479 -18.67 5.48 11.96
CA HIS A 479 -19.28 4.66 12.99
C HIS A 479 -18.62 4.85 14.35
N ALA A 480 -17.32 5.19 14.35
CA ALA A 480 -16.66 5.54 15.60
C ALA A 480 -17.16 6.87 16.15
N PHE A 481 -17.72 7.74 15.29
CA PHE A 481 -18.17 9.05 15.73
C PHE A 481 -19.53 8.97 16.42
N ARG A 482 -20.47 8.21 15.86
CA ARG A 482 -21.74 7.98 16.51
C ARG A 482 -21.62 7.14 17.78
N SER A 483 -20.44 6.57 18.04
CA SER A 483 -20.23 5.72 19.21
C SER A 483 -20.09 6.53 20.48
N MET A 484 -19.44 7.70 20.41
CA MET A 484 -19.24 8.56 21.56
C MET A 484 -20.03 9.85 21.46
N PHE A 485 -20.71 10.11 20.35
CA PHE A 485 -21.57 11.27 20.19
C PHE A 485 -22.86 10.83 19.50
N PRO A 486 -23.75 10.16 20.23
CA PRO A 486 -24.96 9.57 19.65
C PRO A 486 -26.13 10.55 19.61
CAA 9GF B . 10.85 26.85 0.90
CAB 9GF B . 9.85 27.52 1.83
CAC 9GF B . 8.42 27.02 1.55
CAD 9GF B . 7.42 28.00 2.20
CAE 9GF B . 6.02 27.37 2.27
CAF 9GF B . 5.06 28.20 1.43
CAG 9GF B . 3.83 28.68 2.22
CAH 9GF B . 3.61 27.83 3.46
CAI 9GF B . 2.60 28.55 1.31
CAJ 9GF B . 4.02 30.02 2.59
CAK 9GF B . 4.96 30.37 3.56
CAL 9GF B . 5.14 31.70 3.92
CAM 9GF B . 4.37 32.71 3.34
CAN 9GF B . 4.53 34.07 3.67
CAO 9GF B . 5.48 34.67 2.64
CAP 9GF B . 5.64 36.15 2.89
CAR 9GF B . 6.22 36.36 4.26
CAS 9GF B . 5.29 35.80 5.30
CAT 9GF B . 5.09 34.31 5.10
CAU 9GF B . 4.15 33.80 6.20
CAV 9GF B . 4.91 33.72 7.53
CAW 9GF B . 5.47 32.30 7.70
CAY 9GF B . 3.44 32.36 2.37
CBA 9GF B . 3.25 31.03 2.00
OAQ 9GF B . 6.54 36.69 1.91
OAX 9GF B . 6.07 32.15 9.00
OAZ 9GF B . 2.71 33.37 1.82
CAA 9GL C . 4.40 9.48 17.65
CAB 9GL C . 4.57 9.78 16.15
CAC 9GL C . 3.54 10.82 15.70
CAD 9GL C . 3.71 12.14 15.50
CAE 9GL C . 4.81 12.92 15.64
CAG 9GL C . 7.24 13.18 15.47
CAH 9GL C . 8.24 12.50 16.42
CAI 9GL C . 9.44 13.21 16.44
CAJ 9GL C . 9.44 14.60 16.33
CAK 9GL C . 10.64 15.30 16.34
CAL 9GL C . 11.85 14.62 16.45
CAN 9GL C . 12.99 16.78 16.41
CAO 9GL C . 14.19 17.35 15.67
CAP 9GL C . 15.46 16.72 16.19
CAQ 9GL C . 15.42 15.25 15.85
CAR 9GL C . 14.29 14.56 16.60
CAS 9GL C . 11.85 13.23 16.56
CAT 9GL C . 10.65 12.53 16.55
CAW 9GL C . 1.66 11.66 15.09
CAX 9GL C . 0.37 11.68 14.76
CAY 9GL C . -0.38 10.50 14.79
CAZ 9GL C . 0.25 9.33 15.17
CBB 9GL C . 1.60 9.37 15.49
CBC 9GL C . 2.27 10.53 15.44
NAF 9GL C . 6.01 12.37 15.35
NAM 9GL C . 13.01 15.30 16.47
NAV 9GL C . 2.55 12.65 15.12
OAU 9GL C . 4.68 14.09 15.99
CL 9GL C . -0.68 7.83 15.21
C1 OLA D . -4.35 41.40 -7.07
O1 OLA D . -4.45 42.56 -6.62
O2 OLA D . -4.15 41.24 -8.29
C2 OLA D . -4.46 40.19 -6.17
C3 OLA D . -4.86 39.00 -7.02
C4 OLA D . -5.46 37.89 -6.15
C5 OLA D . -5.95 36.72 -6.99
C6 OLA D . -6.94 35.89 -6.19
C7 OLA D . -6.25 34.65 -5.61
C8 OLA D . -7.20 33.81 -4.78
C9 OLA D . -6.84 32.35 -4.93
C10 OLA D . -7.63 31.29 -4.27
C11 OLA D . -7.74 31.24 -2.77
C12 OLA D . -8.67 30.11 -2.36
C1 OLA E . 24.85 25.01 -0.27
O1 OLA E . 25.29 26.15 -0.50
O2 OLA E . 24.86 24.16 -1.18
C2 OLA E . 24.32 24.65 1.11
C3 OLA E . 24.91 23.32 1.56
C4 OLA E . 23.82 22.30 1.81
C5 OLA E . 23.45 21.55 0.55
C6 OLA E . 23.58 20.05 0.74
C7 OLA E . 22.24 19.35 0.52
C8 OLA E . 21.85 19.28 -0.94
C9 OLA E . 22.30 17.96 -1.54
C10 OLA E . 21.85 17.54 -2.89
C11 OLA E . 20.43 17.07 -3.10
C1 OLA F . -8.29 37.34 16.86
O1 OLA F . -9.30 37.92 17.30
O2 OLA F . -7.17 37.90 17.01
C2 OLA F . -8.38 36.01 16.15
C3 OLA F . -8.90 34.92 17.08
C4 OLA F . -9.96 34.08 16.40
C5 OLA F . -11.34 34.32 17.00
C6 OLA F . -12.39 33.41 16.39
C7 OLA F . -13.13 32.63 17.47
C8 OLA F . -14.62 32.50 17.16
C9 OLA F . -15.41 33.52 17.96
C1 OLA G . -12.96 37.00 12.70
O1 OLA G . -13.80 37.01 11.79
O2 OLA G . -12.08 37.86 12.82
C2 OLA G . -13.02 35.88 13.70
C3 OLA G . -13.15 34.58 12.92
C4 OLA G . -13.96 33.51 13.65
C5 OLA G . -14.51 32.50 12.66
C6 OLA G . -15.47 31.52 13.29
C7 OLA G . -15.53 30.21 12.52
C8 OLA G . -16.27 29.14 13.32
C24 OLC H . 28.23 26.07 0.67
C7 OLC H . 24.89 15.87 -2.38
C6 OLC H . 25.79 16.17 -1.19
C5 OLC H . 25.81 17.67 -0.93
C4 OLC H . 26.21 18.41 -2.19
C3 OLC H . 26.10 19.92 -1.95
C2 OLC H . 27.49 20.52 -1.84
C21 OLC H . 28.30 23.62 0.12
C1 OLC H . 27.51 21.55 -0.71
C22 OLC H . 28.69 25.01 -0.35
O19 OLC H . 27.23 21.22 0.40
O25 OLC H . 29.16 26.19 1.70
O23 OLC H . 30.07 25.09 -0.51
O20 OLC H . 27.85 22.88 -0.98
C24 OLC I . 9.97 14.16 27.11
C6 OLC I . 17.67 15.11 20.86
C5 OLC I . 17.42 13.94 21.81
C4 OLC I . 16.20 14.23 22.67
C3 OLC I . 16.42 13.70 24.08
C2 OLC I . 15.42 14.35 25.05
C21 OLC I . 12.24 13.26 26.50
C1 OLC I . 14.34 13.34 25.44
C22 OLC I . 10.75 13.26 26.15
O19 OLC I . 14.63 12.24 25.78
O25 OLC I . 9.09 14.99 26.39
O23 OLC I . 10.58 13.71 24.83
O20 OLC I . 12.98 13.71 25.41
C1 PEG J . 4.07 1.34 6.86
O1 PEG J . 3.33 2.30 7.55
C2 PEG J . 5.56 1.67 6.96
O2 PEG J . 6.33 0.54 6.64
C3 PEG J . 6.16 -0.54 7.52
C4 PEG J . 7.51 -1.19 7.84
O4 PEG J . 8.06 -1.74 6.67
C1 PEG K . -20.65 11.51 9.67
O1 PEG K . -19.94 11.87 10.82
C2 PEG K . -21.86 10.64 10.05
O2 PEG K . -22.67 10.43 8.93
C3 PEG K . -23.89 9.82 9.22
C4 PEG K . -23.65 8.36 9.60
O4 PEG K . -23.40 7.59 8.46
#